data_6D30
#
_entry.id   6D30
#
_cell.length_a   41.698
_cell.length_b   53.038
_cell.length_c   45.814
_cell.angle_alpha   90.00
_cell.angle_beta   105.72
_cell.angle_gamma   90.00
#
_symmetry.space_group_name_H-M   'P 1 21 1'
#
loop_
_entity.id
_entity.type
_entity.pdbx_description
1 polymer 'U6 snRNA phosphodiesterase'
2 polymer "RNA (5'-R(UP*U)-3')"
3 non-polymer 'CHLORIDE ION'
4 water water
#
loop_
_entity_poly.entity_id
_entity_poly.type
_entity_poly.pdbx_seq_one_letter_code
_entity_poly.pdbx_strand_id
1 'polypeptide(L)'
;GAHMGNWATHVYVPYEAKEEFLDLLDVLLPHAQTYVPRLVRMKVFHLSLSQSVVLRHHWILPFVQALKARMTSFHRFFFT
ANQVKIYTNQEKTRTFIGLEVTSGHAQFLDLVSEVDRVMEEFNLTTFYQDPSFQLSLAWCVGDARLQLEGQCLQELQAIV
DGFEDAEVLLRVHTEQVRCKSGNKFFSMPLK
;
A
2 'polyribonucleotide' UU C
#
# COMPACT_ATOMS: atom_id res chain seq x y z
N MET A 4 -15.17 12.70 -21.43
CA MET A 4 -14.51 13.35 -20.30
C MET A 4 -13.34 12.49 -19.83
N GLY A 5 -12.96 11.52 -20.65
CA GLY A 5 -11.81 10.68 -20.37
C GLY A 5 -12.12 9.44 -19.54
N ASN A 6 -11.12 8.57 -19.51
CA ASN A 6 -11.07 7.38 -18.65
C ASN A 6 -10.00 7.60 -17.60
N TRP A 7 -10.37 7.41 -16.33
CA TRP A 7 -9.61 7.90 -15.20
C TRP A 7 -8.94 6.78 -14.44
N ALA A 8 -7.70 6.99 -14.05
CA ALA A 8 -6.98 6.02 -13.22
C ALA A 8 -7.66 5.90 -11.88
N THR A 9 -8.00 4.67 -11.51
CA THR A 9 -8.80 4.46 -10.32
C THR A 9 -8.12 3.38 -9.48
N HIS A 10 -8.03 3.61 -8.17
CA HIS A 10 -7.28 2.75 -7.25
C HIS A 10 -7.87 2.87 -5.86
N VAL A 11 -8.12 1.73 -5.22
CA VAL A 11 -8.68 1.69 -3.87
C VAL A 11 -7.58 1.25 -2.90
N TYR A 12 -7.52 1.87 -1.72
CA TYR A 12 -6.47 1.59 -0.76
C TYR A 12 -6.88 2.00 0.65
N VAL A 13 -6.11 1.54 1.62
CA VAL A 13 -6.21 1.97 3.01
C VAL A 13 -5.09 2.97 3.26
N PRO A 14 -5.39 4.24 3.49
CA PRO A 14 -4.36 5.20 3.89
C PRO A 14 -3.60 4.78 5.12
N TYR A 15 -2.30 5.11 5.14
CA TYR A 15 -1.44 4.97 6.30
C TYR A 15 -1.04 6.38 6.72
N GLU A 16 -1.32 6.72 7.96
CA GLU A 16 -0.94 8.01 8.50
C GLU A 16 0.56 8.06 8.70
N ALA A 17 1.23 8.93 7.98
CA ALA A 17 2.68 8.98 8.05
C ALA A 17 3.10 9.95 9.14
N LYS A 18 3.14 9.43 10.35
CA LYS A 18 3.51 10.17 11.52
C LYS A 18 4.97 10.58 11.44
N GLU A 19 5.34 11.60 12.22
CA GLU A 19 6.72 12.04 12.29
C GLU A 19 7.66 10.91 12.66
N GLU A 20 7.26 10.04 13.59
CA GLU A 20 8.09 8.91 13.94
C GLU A 20 8.38 8.01 12.75
N PHE A 21 7.38 7.76 11.91
CA PHE A 21 7.57 6.96 10.72
C PHE A 21 8.48 7.66 9.71
N LEU A 22 8.21 8.92 9.43
CA LEU A 22 9.06 9.65 8.48
C LEU A 22 10.49 9.76 8.95
N ASP A 23 10.69 9.84 10.27
CA ASP A 23 12.04 9.91 10.83
C ASP A 23 12.74 8.55 10.75
N LEU A 24 12.01 7.44 10.87
CA LEU A 24 12.57 6.13 10.57
C LEU A 24 12.98 6.04 9.11
N LEU A 25 12.14 6.54 8.21
N LEU A 25 12.15 6.55 8.21
CA LEU A 25 12.47 6.53 6.79
CA LEU A 25 12.49 6.53 6.79
C LEU A 25 13.70 7.39 6.51
C LEU A 25 13.73 7.36 6.53
N ASP A 26 13.92 8.44 7.30
CA ASP A 26 15.13 9.26 7.16
C ASP A 26 16.40 8.49 7.47
N VAL A 27 16.29 7.36 8.19
CA VAL A 27 17.44 6.46 8.41
C VAL A 27 17.47 5.36 7.37
N LEU A 28 16.32 4.72 7.11
CA LEU A 28 16.29 3.60 6.17
C LEU A 28 16.69 4.01 4.78
N LEU A 29 16.14 5.15 4.30
CA LEU A 29 16.37 5.49 2.90
C LEU A 29 17.81 5.79 2.61
N PRO A 30 18.53 6.63 3.38
CA PRO A 30 19.95 6.79 3.06
C PRO A 30 20.74 5.50 3.17
N HIS A 31 20.35 4.60 4.09
CA HIS A 31 21.03 3.31 4.15
C HIS A 31 20.86 2.55 2.83
N ALA A 32 19.63 2.46 2.34
CA ALA A 32 19.40 1.79 1.07
C ALA A 32 20.12 2.51 -0.07
N GLN A 33 20.17 3.85 -0.02
CA GLN A 33 20.84 4.64 -1.05
C GLN A 33 22.34 4.43 -1.09
N THR A 34 22.95 3.84 -0.07
CA THR A 34 24.36 3.44 -0.21
C THR A 34 24.52 2.31 -1.20
N TYR A 35 23.46 1.55 -1.45
CA TYR A 35 23.43 0.49 -2.44
C TYR A 35 22.86 0.97 -3.77
N VAL A 36 21.76 1.71 -3.74
CA VAL A 36 21.09 2.19 -4.96
C VAL A 36 20.77 3.66 -4.71
N PRO A 37 21.67 4.58 -5.05
CA PRO A 37 21.42 6.01 -4.81
C PRO A 37 20.15 6.56 -5.41
N ARG A 38 19.71 6.02 -6.56
CA ARG A 38 18.60 6.62 -7.28
C ARG A 38 17.23 6.32 -6.70
N LEU A 39 17.13 5.55 -5.61
CA LEU A 39 15.88 5.39 -4.91
C LEU A 39 15.31 6.74 -4.50
N VAL A 40 13.99 6.86 -4.66
CA VAL A 40 13.22 8.06 -4.31
C VAL A 40 12.13 7.68 -3.30
N ARG A 41 11.98 8.48 -2.27
CA ARG A 41 10.98 8.25 -1.25
C ARG A 41 9.59 8.40 -1.84
N MET A 42 8.67 7.55 -1.40
CA MET A 42 7.26 7.74 -1.74
C MET A 42 6.72 8.99 -1.08
N LYS A 43 5.74 9.62 -1.74
CA LYS A 43 5.14 10.85 -1.23
C LYS A 43 4.03 10.57 -0.22
N VAL A 44 3.28 9.48 -0.44
CA VAL A 44 2.18 9.08 0.42
C VAL A 44 2.29 7.57 0.58
N PHE A 45 1.60 7.04 1.58
CA PHE A 45 1.76 5.65 2.00
C PHE A 45 0.38 5.06 2.18
N HIS A 46 0.20 3.82 1.73
CA HIS A 46 -1.09 3.15 1.84
C HIS A 46 -0.93 1.69 1.47
N LEU A 47 -1.98 0.92 1.77
CA LEU A 47 -2.04 -0.50 1.44
CA LEU A 47 -2.07 -0.51 1.45
C LEU A 47 -3.12 -0.72 0.38
N SER A 48 -2.72 -1.22 -0.77
CA SER A 48 -3.63 -1.36 -1.89
CA SER A 48 -3.66 -1.36 -1.88
C SER A 48 -4.67 -2.45 -1.65
N LEU A 49 -5.90 -2.16 -2.07
CA LEU A 49 -7.02 -3.08 -2.07
C LEU A 49 -7.54 -3.42 -3.45
N SER A 50 -7.02 -2.75 -4.47
CA SER A 50 -7.38 -3.01 -5.85
C SER A 50 -6.16 -2.83 -6.71
N GLN A 51 -6.23 -3.38 -7.92
CA GLN A 51 -5.32 -3.00 -8.98
C GLN A 51 -5.61 -1.57 -9.40
N SER A 52 -4.64 -0.98 -10.08
CA SER A 52 -4.82 0.31 -10.72
CA SER A 52 -4.83 0.31 -10.71
C SER A 52 -5.49 0.06 -12.05
N VAL A 53 -6.72 0.58 -12.20
CA VAL A 53 -7.55 0.32 -13.35
C VAL A 53 -7.93 1.64 -13.97
N VAL A 54 -8.62 1.59 -15.10
N VAL A 54 -8.69 1.58 -15.06
CA VAL A 54 -9.16 2.81 -15.70
CA VAL A 54 -9.14 2.77 -15.77
C VAL A 54 -10.67 2.68 -15.77
C VAL A 54 -10.67 2.71 -15.87
N LEU A 55 -11.34 3.79 -15.48
CA LEU A 55 -12.79 3.81 -15.36
C LEU A 55 -13.33 5.03 -16.09
N ARG A 56 -14.37 4.82 -16.90
CA ARG A 56 -14.99 5.93 -17.60
C ARG A 56 -15.49 6.98 -16.60
N HIS A 57 -15.30 8.27 -16.94
CA HIS A 57 -15.65 9.34 -16.02
C HIS A 57 -17.06 9.21 -15.46
N HIS A 58 -18.02 8.85 -16.31
CA HIS A 58 -19.40 8.76 -15.91
C HIS A 58 -19.61 7.80 -14.75
N TRP A 59 -18.76 6.82 -14.59
CA TRP A 59 -18.94 5.83 -13.54
C TRP A 59 -18.16 6.09 -12.26
N ILE A 60 -17.39 7.18 -12.18
CA ILE A 60 -16.57 7.42 -10.99
C ILE A 60 -17.47 7.57 -9.77
N LEU A 61 -18.45 8.51 -9.80
CA LEU A 61 -19.25 8.72 -8.62
C LEU A 61 -20.09 7.49 -8.28
N PRO A 62 -20.72 6.78 -9.25
CA PRO A 62 -21.42 5.55 -8.90
C PRO A 62 -20.51 4.49 -8.27
N PHE A 63 -19.29 4.37 -8.79
CA PHE A 63 -18.34 3.42 -8.24
C PHE A 63 -18.02 3.75 -6.80
N VAL A 64 -17.75 5.03 -6.53
CA VAL A 64 -17.50 5.45 -5.16
C VAL A 64 -18.69 5.17 -4.25
N GLN A 65 -19.91 5.45 -4.72
CA GLN A 65 -21.08 5.14 -3.91
C GLN A 65 -21.16 3.68 -3.59
N ALA A 66 -20.91 2.83 -4.58
CA ALA A 66 -20.97 1.39 -4.36
C ALA A 66 -19.91 0.96 -3.35
N LEU A 67 -18.72 1.54 -3.43
CA LEU A 67 -17.66 1.23 -2.50
CA LEU A 67 -17.66 1.23 -2.48
C LEU A 67 -18.05 1.65 -1.08
N LYS A 68 -18.57 2.88 -0.94
CA LYS A 68 -18.96 3.37 0.38
C LYS A 68 -19.93 2.42 1.05
N ALA A 69 -20.89 1.91 0.29
CA ALA A 69 -21.91 1.07 0.89
C ALA A 69 -21.33 -0.25 1.35
N ARG A 70 -20.38 -0.82 0.60
CA ARG A 70 -19.76 -2.08 1.02
C ARG A 70 -18.72 -1.91 2.11
N MET A 71 -18.05 -0.76 2.17
CA MET A 71 -17.00 -0.57 3.15
C MET A 71 -17.55 -0.09 4.47
N THR A 72 -18.79 0.41 4.46
CA THR A 72 -19.40 1.05 5.61
C THR A 72 -19.50 0.14 6.82
N SER A 73 -19.76 -1.15 6.60
CA SER A 73 -19.95 -2.12 7.65
C SER A 73 -18.65 -2.69 8.24
N PHE A 74 -17.49 -2.38 7.69
CA PHE A 74 -16.22 -2.89 8.23
C PHE A 74 -15.70 -2.02 9.37
N HIS A 75 -15.14 -2.67 10.39
CA HIS A 75 -14.55 -1.97 11.53
C HIS A 75 -13.07 -1.66 11.38
N ARG A 76 -12.64 -0.62 12.09
CA ARG A 76 -11.22 -0.38 12.27
C ARG A 76 -10.57 -1.66 12.79
N PHE A 77 -9.30 -1.85 12.42
CA PHE A 77 -8.56 -2.99 12.94
C PHE A 77 -7.09 -2.62 13.04
N PHE A 78 -6.32 -3.51 13.66
CA PHE A 78 -4.88 -3.29 13.86
C PHE A 78 -4.09 -4.20 12.95
N PHE A 79 -2.97 -3.69 12.44
CA PHE A 79 -2.06 -4.51 11.67
C PHE A 79 -0.63 -4.20 12.03
N THR A 80 0.26 -5.10 11.63
CA THR A 80 1.70 -4.97 11.81
C THR A 80 2.35 -4.94 10.44
N ALA A 81 3.26 -3.96 10.24
CA ALA A 81 4.05 -3.88 8.99
C ALA A 81 5.48 -3.55 9.35
N ASN A 82 6.26 -4.59 9.64
CA ASN A 82 7.64 -4.38 10.09
C ASN A 82 8.61 -5.34 9.42
N GLN A 83 8.20 -5.97 8.31
CA GLN A 83 9.07 -6.89 7.56
C GLN A 83 9.44 -6.26 6.23
N VAL A 84 10.70 -5.91 6.08
CA VAL A 84 11.16 -5.25 4.85
C VAL A 84 11.10 -6.23 3.69
N LYS A 85 10.68 -5.74 2.54
CA LYS A 85 10.49 -6.52 1.33
C LYS A 85 11.01 -5.74 0.14
N ILE A 86 11.68 -6.43 -0.78
CA ILE A 86 12.08 -5.90 -2.09
C ILE A 86 11.15 -6.52 -3.13
N TYR A 87 10.57 -5.72 -4.01
CA TYR A 87 9.64 -6.24 -5.00
C TYR A 87 9.71 -5.37 -6.25
N THR A 88 9.20 -5.88 -7.36
CA THR A 88 9.19 -5.15 -8.61
C THR A 88 7.76 -5.10 -9.14
N ASN A 89 7.54 -4.24 -10.14
CA ASN A 89 6.33 -4.39 -10.92
C ASN A 89 6.44 -5.62 -11.81
N GLN A 90 5.33 -5.97 -12.47
CA GLN A 90 5.30 -7.18 -13.27
C GLN A 90 6.39 -7.19 -14.34
N GLU A 91 6.62 -6.06 -15.01
CA GLU A 91 7.57 -6.00 -16.12
C GLU A 91 9.01 -5.83 -15.67
N LYS A 92 9.26 -5.75 -14.36
CA LYS A 92 10.60 -5.55 -13.80
C LYS A 92 11.27 -4.26 -14.30
N THR A 93 10.47 -3.22 -14.50
CA THR A 93 11.00 -1.93 -14.86
C THR A 93 11.00 -0.93 -13.71
N ARG A 94 10.39 -1.30 -12.57
CA ARG A 94 10.45 -0.50 -11.36
C ARG A 94 10.70 -1.46 -10.21
N THR A 95 11.52 -1.03 -9.24
CA THR A 95 11.79 -1.74 -8.01
C THR A 95 11.35 -0.90 -6.82
N PHE A 96 10.87 -1.60 -5.78
CA PHE A 96 10.33 -0.99 -4.58
C PHE A 96 10.95 -1.60 -3.34
N ILE A 97 11.09 -0.77 -2.31
CA ILE A 97 11.31 -1.22 -0.93
C ILE A 97 10.05 -0.95 -0.15
N GLY A 98 9.52 -1.97 0.53
CA GLY A 98 8.30 -1.82 1.32
C GLY A 98 8.35 -2.55 2.64
N LEU A 99 7.30 -2.35 3.43
CA LEU A 99 7.08 -3.06 4.70
C LEU A 99 5.86 -3.92 4.51
N GLU A 100 6.05 -5.22 4.55
N GLU A 100 6.06 -5.24 4.51
CA GLU A 100 4.98 -6.16 4.30
CA GLU A 100 4.98 -6.18 4.30
C GLU A 100 4.17 -6.40 5.56
C GLU A 100 4.16 -6.36 5.56
N VAL A 101 2.84 -6.43 5.39
CA VAL A 101 1.92 -6.70 6.49
C VAL A 101 2.03 -8.16 6.88
N THR A 102 2.11 -8.41 8.20
CA THR A 102 2.00 -9.75 8.79
C THR A 102 0.65 -9.83 9.50
N SER A 103 0.58 -9.60 10.80
CA SER A 103 -0.68 -9.56 11.51
C SER A 103 -1.57 -8.53 10.84
N GLY A 104 -2.83 -8.88 10.65
CA GLY A 104 -3.79 -8.05 9.98
C GLY A 104 -4.01 -8.39 8.51
N HIS A 105 -3.14 -9.21 7.93
CA HIS A 105 -3.29 -9.61 6.54
C HIS A 105 -4.69 -10.16 6.25
N ALA A 106 -5.20 -11.01 7.12
CA ALA A 106 -6.52 -11.60 6.89
C ALA A 106 -7.60 -10.53 6.85
N GLN A 107 -7.49 -9.48 7.68
CA GLN A 107 -8.46 -8.41 7.65
C GLN A 107 -8.40 -7.63 6.34
N PHE A 108 -7.21 -7.44 5.79
CA PHE A 108 -7.07 -6.85 4.46
C PHE A 108 -7.71 -7.73 3.41
N LEU A 109 -7.54 -9.06 3.50
CA LEU A 109 -8.18 -9.95 2.54
C LEU A 109 -9.70 -9.79 2.58
N ASP A 110 -10.27 -9.65 3.78
CA ASP A 110 -11.71 -9.46 3.87
C ASP A 110 -12.13 -8.15 3.20
N LEU A 111 -11.34 -7.09 3.34
CA LEU A 111 -11.65 -5.86 2.62
C LEU A 111 -11.58 -6.08 1.12
N VAL A 112 -10.53 -6.74 0.65
CA VAL A 112 -10.36 -7.03 -0.79
C VAL A 112 -11.57 -7.78 -1.33
N SER A 113 -12.10 -8.74 -0.57
CA SER A 113 -13.23 -9.51 -1.07
CA SER A 113 -13.23 -9.51 -1.06
C SER A 113 -14.43 -8.61 -1.40
N GLU A 114 -14.66 -7.60 -0.59
CA GLU A 114 -15.75 -6.68 -0.87
C GLU A 114 -15.39 -5.68 -1.96
N VAL A 115 -14.14 -5.17 -1.97
CA VAL A 115 -13.73 -4.32 -3.07
C VAL A 115 -13.84 -5.05 -4.42
N ASP A 116 -13.47 -6.33 -4.45
CA ASP A 116 -13.56 -7.12 -5.67
C ASP A 116 -14.98 -7.15 -6.22
N ARG A 117 -15.97 -7.21 -5.34
CA ARG A 117 -17.35 -7.21 -5.83
C ARG A 117 -17.68 -5.90 -6.54
N VAL A 118 -17.21 -4.78 -6.02
CA VAL A 118 -17.41 -3.50 -6.69
C VAL A 118 -16.67 -3.45 -8.01
N MET A 119 -15.44 -3.96 -8.02
CA MET A 119 -14.72 -4.07 -9.28
C MET A 119 -15.55 -4.81 -10.33
N GLU A 120 -16.08 -5.99 -9.97
CA GLU A 120 -16.85 -6.78 -10.94
C GLU A 120 -18.11 -6.06 -11.39
N GLU A 121 -18.74 -5.34 -10.49
CA GLU A 121 -19.93 -4.55 -10.80
C GLU A 121 -19.70 -3.53 -11.89
N PHE A 122 -18.46 -3.06 -12.03
CA PHE A 122 -18.07 -2.05 -13.01
C PHE A 122 -17.20 -2.61 -14.10
N ASN A 123 -17.17 -3.92 -14.24
CA ASN A 123 -16.38 -4.59 -15.30
C ASN A 123 -14.88 -4.28 -15.20
N LEU A 124 -14.38 -4.22 -13.98
CA LEU A 124 -12.97 -3.95 -13.69
C LEU A 124 -12.31 -5.18 -13.10
N THR A 125 -11.01 -5.30 -13.28
N THR A 125 -11.00 -5.25 -13.23
CA THR A 125 -10.34 -6.50 -12.79
CA THR A 125 -10.27 -6.42 -12.76
C THR A 125 -10.34 -6.57 -11.26
C THR A 125 -10.33 -6.56 -11.24
N THR A 126 -10.45 -7.79 -10.77
CA THR A 126 -10.35 -8.09 -9.36
C THR A 126 -8.87 -8.16 -8.96
N PHE A 127 -8.64 -8.29 -7.67
CA PHE A 127 -7.31 -8.12 -7.12
C PHE A 127 -6.40 -9.24 -7.55
N TYR A 128 -5.10 -9.00 -7.38
CA TYR A 128 -4.06 -9.94 -7.74
C TYR A 128 -4.34 -11.31 -7.14
N GLN A 129 -4.03 -12.35 -7.91
CA GLN A 129 -4.36 -13.72 -7.49
C GLN A 129 -3.65 -14.14 -6.20
N ASP A 130 -2.39 -13.77 -6.04
CA ASP A 130 -1.62 -14.15 -4.84
C ASP A 130 -1.34 -12.88 -4.03
N PRO A 131 -2.29 -12.41 -3.25
CA PRO A 131 -2.21 -11.06 -2.72
C PRO A 131 -1.19 -10.92 -1.62
N SER A 132 -0.62 -9.73 -1.57
CA SER A 132 0.23 -9.29 -0.48
C SER A 132 -0.14 -7.85 -0.20
N PHE A 133 0.13 -7.39 1.01
CA PHE A 133 -0.11 -6.00 1.37
C PHE A 133 1.17 -5.43 1.90
N GLN A 134 1.53 -4.23 1.45
CA GLN A 134 2.78 -3.63 1.91
C GLN A 134 2.71 -2.12 1.84
N LEU A 135 3.36 -1.48 2.78
CA LEU A 135 3.61 -0.04 2.72
C LEU A 135 4.82 0.18 1.84
N SER A 136 4.68 0.86 0.71
CA SER A 136 5.84 1.14 -0.13
C SER A 136 6.58 2.34 0.40
N LEU A 137 7.89 2.21 0.58
CA LEU A 137 8.69 3.28 1.17
C LEU A 137 9.42 4.08 0.13
N ALA A 138 9.92 3.42 -0.92
CA ALA A 138 10.79 4.06 -1.90
C ALA A 138 10.77 3.20 -3.15
N TRP A 139 11.16 3.80 -4.27
CA TRP A 139 11.18 3.09 -5.54
C TRP A 139 12.29 3.64 -6.42
N CYS A 140 12.64 2.86 -7.45
CA CYS A 140 13.58 3.31 -8.46
C CYS A 140 13.23 2.65 -9.79
N VAL A 141 13.73 3.28 -10.86
CA VAL A 141 13.62 2.67 -12.18
C VAL A 141 14.58 1.50 -12.31
N GLY A 142 14.19 0.56 -13.15
CA GLY A 142 14.98 -0.61 -13.42
C GLY A 142 14.70 -1.69 -12.42
N ASP A 143 15.47 -2.76 -12.54
CA ASP A 143 15.38 -3.94 -11.70
C ASP A 143 16.60 -3.91 -10.81
N ALA A 144 16.41 -3.45 -9.59
CA ALA A 144 17.50 -3.29 -8.64
C ALA A 144 17.52 -4.39 -7.59
N ARG A 145 16.88 -5.52 -7.88
CA ARG A 145 16.86 -6.61 -6.90
C ARG A 145 18.26 -7.07 -6.54
N LEU A 146 19.19 -7.14 -7.51
CA LEU A 146 20.49 -7.69 -7.17
C LEU A 146 21.23 -6.79 -6.20
N GLN A 147 20.99 -5.50 -6.25
CA GLN A 147 21.70 -4.62 -5.33
C GLN A 147 21.01 -4.52 -3.98
N LEU A 148 19.69 -4.73 -3.92
CA LEU A 148 18.95 -4.52 -2.69
C LEU A 148 18.67 -5.80 -1.91
N GLU A 149 18.48 -6.92 -2.58
CA GLU A 149 18.29 -8.16 -1.86
C GLU A 149 19.63 -8.55 -1.22
N GLY A 150 19.59 -9.44 -0.28
CA GLY A 150 20.82 -9.86 0.37
C GLY A 150 21.30 -8.92 1.44
N GLN A 151 22.52 -8.40 1.32
CA GLN A 151 23.13 -7.64 2.42
C GLN A 151 22.32 -6.39 2.77
N CYS A 152 21.90 -5.63 1.78
CA CYS A 152 21.13 -4.42 2.06
C CYS A 152 19.82 -4.75 2.77
N LEU A 153 19.06 -5.69 2.22
CA LEU A 153 17.79 -6.09 2.84
C LEU A 153 17.99 -6.49 4.28
N GLN A 154 19.01 -7.30 4.56
N GLN A 154 19.00 -7.32 4.53
CA GLN A 154 19.22 -7.76 5.93
CA GLN A 154 19.29 -7.78 5.90
C GLN A 154 19.58 -6.59 6.85
C GLN A 154 19.58 -6.59 6.82
N GLU A 155 20.36 -5.63 6.34
CA GLU A 155 20.68 -4.43 7.13
C GLU A 155 19.45 -3.53 7.38
N LEU A 156 18.59 -3.40 6.39
CA LEU A 156 17.35 -2.65 6.58
C LEU A 156 16.44 -3.33 7.60
N GLN A 157 16.32 -4.66 7.53
CA GLN A 157 15.53 -5.36 8.51
C GLN A 157 16.11 -5.18 9.91
N ALA A 158 17.44 -5.18 10.05
CA ALA A 158 18.04 -4.98 11.36
C ALA A 158 17.74 -3.59 11.92
N ILE A 159 17.69 -2.58 11.06
CA ILE A 159 17.30 -1.25 11.53
C ILE A 159 15.85 -1.25 12.02
N VAL A 160 14.95 -1.87 11.26
CA VAL A 160 13.56 -1.95 11.70
C VAL A 160 13.44 -2.76 12.99
N ASP A 161 14.11 -3.90 13.09
CA ASP A 161 14.06 -4.72 14.28
C ASP A 161 14.57 -3.96 15.48
N GLY A 162 15.46 -3.01 15.28
CA GLY A 162 16.03 -2.22 16.33
C GLY A 162 15.21 -0.99 16.68
N PHE A 163 14.04 -0.85 16.07
CA PHE A 163 13.16 0.27 16.31
C PHE A 163 12.30 0.02 17.53
N GLU A 164 12.75 -0.88 18.41
N GLU A 164 12.74 -0.87 18.43
CA GLU A 164 12.22 -1.00 19.77
CA GLU A 164 12.19 -0.96 19.77
C GLU A 164 10.72 -1.31 19.79
C GLU A 164 10.71 -1.31 19.80
N ASP A 165 10.24 -2.09 18.82
CA ASP A 165 8.84 -2.48 18.75
C ASP A 165 7.90 -1.28 18.71
N ALA A 166 8.31 -0.17 18.09
CA ALA A 166 7.48 1.04 18.08
C ALA A 166 6.12 0.77 17.43
N GLU A 167 5.05 1.23 18.13
CA GLU A 167 3.65 1.01 17.72
C GLU A 167 3.35 1.53 16.30
N VAL A 168 4.10 2.53 15.86
N VAL A 168 4.11 2.51 15.84
CA VAL A 168 4.08 3.08 14.50
CA VAL A 168 3.98 3.06 14.49
C VAL A 168 4.05 1.99 13.43
C VAL A 168 4.06 1.99 13.42
N LEU A 169 4.74 0.87 13.69
CA LEU A 169 4.73 -0.28 12.78
C LEU A 169 4.08 -1.51 13.35
N LEU A 170 4.09 -1.66 14.67
CA LEU A 170 3.65 -2.91 15.29
C LEU A 170 2.15 -2.98 15.44
N ARG A 171 1.49 -1.88 15.70
CA ARG A 171 0.06 -1.88 16.02
C ARG A 171 -0.56 -0.63 15.39
N VAL A 172 -0.78 -0.73 14.08
CA VAL A 172 -1.34 0.37 13.30
C VAL A 172 -2.84 0.23 13.23
N HIS A 173 -3.55 1.30 13.54
CA HIS A 173 -5.00 1.25 13.64
C HIS A 173 -5.61 1.89 12.40
N THR A 174 -6.11 1.04 11.51
CA THR A 174 -6.71 1.58 10.29
C THR A 174 -7.97 2.39 10.60
N GLU A 175 -8.25 3.36 9.76
CA GLU A 175 -9.40 4.22 9.98
C GLU A 175 -10.29 4.43 8.76
N GLN A 176 -9.78 4.27 7.55
N GLN A 176 -9.73 4.29 7.56
CA GLN A 176 -10.60 4.61 6.40
CA GLN A 176 -10.40 4.72 6.34
C GLN A 176 -10.13 3.81 5.21
C GLN A 176 -10.11 3.76 5.20
N VAL A 177 -11.00 3.78 4.21
CA VAL A 177 -10.72 3.32 2.87
C VAL A 177 -10.82 4.55 1.97
N ARG A 178 -9.99 4.58 0.93
CA ARG A 178 -9.97 5.71 0.01
C ARG A 178 -9.88 5.22 -1.43
N CYS A 179 -10.61 5.92 -2.32
CA CYS A 179 -10.50 5.69 -3.74
C CYS A 179 -9.90 6.94 -4.36
N LYS A 180 -8.79 6.77 -5.08
CA LYS A 180 -8.25 7.82 -5.92
C LYS A 180 -8.72 7.58 -7.32
N SER A 181 -9.32 8.59 -7.94
CA SER A 181 -9.68 8.51 -9.34
C SER A 181 -9.17 9.77 -10.01
N GLY A 182 -8.21 9.62 -10.92
CA GLY A 182 -7.49 10.79 -11.41
C GLY A 182 -6.89 11.60 -10.29
N ASN A 183 -7.24 12.88 -10.27
CA ASN A 183 -6.82 13.81 -9.24
C ASN A 183 -7.86 14.00 -8.14
N LYS A 184 -8.82 13.11 -8.03
CA LYS A 184 -9.86 13.18 -7.02
C LYS A 184 -9.68 12.08 -6.00
N PHE A 185 -10.01 12.37 -4.73
CA PHE A 185 -9.80 11.44 -3.61
C PHE A 185 -11.05 11.32 -2.77
N PHE A 186 -11.58 10.11 -2.69
CA PHE A 186 -12.87 9.85 -2.06
C PHE A 186 -12.66 8.93 -0.87
N SER A 187 -12.90 9.45 0.32
CA SER A 187 -12.62 8.76 1.57
C SER A 187 -13.91 8.22 2.20
N MET A 188 -13.78 7.19 3.04
CA MET A 188 -14.90 6.67 3.77
C MET A 188 -14.41 6.01 5.05
N PRO A 189 -15.15 6.15 6.14
CA PRO A 189 -14.67 5.66 7.43
C PRO A 189 -14.90 4.17 7.63
N LEU A 190 -13.96 3.55 8.34
CA LEU A 190 -14.20 2.26 9.00
C LEU A 190 -14.80 2.49 10.40
N LYS A 191 -15.62 1.55 10.85
CA LYS A 191 -16.43 1.72 12.08
C LYS A 191 -15.65 1.59 13.39
#